data_2IEC
#
_entry.id   2IEC
#
_cell.length_a   60.833
_cell.length_b   60.833
_cell.length_c   263.945
_cell.angle_alpha   90.00
_cell.angle_beta   90.00
_cell.angle_gamma   90.00
#
_symmetry.space_group_name_H-M   'P 41 21 2'
#
loop_
_entity.id
_entity.type
_entity.pdbx_description
1 polymer 'Uncharacterized protein conserved in archaea'
2 non-polymer 'MAGNESIUM ION'
3 water water
#
_entity_poly.entity_id   1
_entity_poly.type   'polypeptide(L)'
_entity_poly.pdbx_seq_one_letter_code
;MSLKYFKRLSDRERAIFEAGITLGAIYHQFCGTPVSPGTAEEVAKCIERAALLQPCVIDARVEVDVSSEDTDNYGGYTEV
SGRNLRVTIVTRCGEWEAVGKLEFIEELNYPLMWVEEIRRVEQEGHHHHHH
;
_entity_poly.pdbx_strand_id   A,B,C,D
#
# COMPACT_ATOMS: atom_id res chain seq x y z
N LEU A 9 -26.55 11.84 -1.63
CA LEU A 9 -26.98 10.39 -1.66
C LEU A 9 -28.06 10.07 -0.64
N SER A 10 -29.14 9.48 -1.13
CA SER A 10 -30.11 8.77 -0.27
C SER A 10 -29.45 7.57 0.43
N ASP A 11 -30.07 7.06 1.49
CA ASP A 11 -29.55 5.90 2.20
C ASP A 11 -29.21 4.65 1.31
N ARG A 12 -30.07 4.33 0.34
CA ARG A 12 -29.82 3.21 -0.56
C ARG A 12 -28.56 3.40 -1.42
N GLU A 13 -28.41 4.61 -1.97
CA GLU A 13 -27.28 4.98 -2.78
C GLU A 13 -26.03 5.03 -1.88
N ARG A 14 -26.19 5.47 -0.63
CA ARG A 14 -25.07 5.54 0.31
C ARG A 14 -24.57 4.13 0.63
N ALA A 15 -25.50 3.18 0.75
CA ALA A 15 -25.23 1.76 0.97
C ALA A 15 -24.34 1.16 -0.11
N ILE A 16 -24.65 1.47 -1.38
CA ILE A 16 -23.84 1.05 -2.55
C ILE A 16 -22.43 1.71 -2.61
N PHE A 17 -22.39 3.02 -2.49
CA PHE A 17 -21.17 3.82 -2.47
C PHE A 17 -20.19 3.38 -1.39
N GLU A 18 -20.69 3.20 -0.16
CA GLU A 18 -19.83 2.75 0.96
C GLU A 18 -19.32 1.34 0.78
N ALA A 19 -20.10 0.48 0.12
CA ALA A 19 -19.66 -0.89 -0.16
C ALA A 19 -18.50 -0.84 -1.18
N GLY A 20 -18.62 0.02 -2.19
CA GLY A 20 -17.57 0.16 -3.17
C GLY A 20 -16.36 0.77 -2.50
N ILE A 21 -16.54 1.81 -1.72
CA ILE A 21 -15.38 2.40 -0.99
C ILE A 21 -14.59 1.37 -0.18
N THR A 22 -15.30 0.58 0.65
CA THR A 22 -14.69 -0.46 1.47
C THR A 22 -13.97 -1.56 0.66
N LEU A 23 -14.56 -2.05 -0.41
CA LEU A 23 -13.86 -3.03 -1.25
C LEU A 23 -12.57 -2.47 -1.82
N GLY A 24 -12.65 -1.28 -2.40
CA GLY A 24 -11.47 -0.64 -2.98
C GLY A 24 -10.37 -0.38 -1.96
N ALA A 25 -10.77 0.10 -0.79
CA ALA A 25 -9.87 0.48 0.30
C ALA A 25 -9.16 -0.73 0.88
N ILE A 26 -9.92 -1.78 1.14
CA ILE A 26 -9.40 -3.05 1.67
C ILE A 26 -8.40 -3.72 0.65
N TYR A 27 -8.79 -3.73 -0.61
CA TYR A 27 -8.00 -4.38 -1.63
C TYR A 27 -6.63 -3.74 -1.75
N HIS A 28 -6.57 -2.41 -1.73
CA HIS A 28 -5.36 -1.71 -2.03
C HIS A 28 -4.59 -1.40 -0.78
N GLN A 29 -5.28 -1.35 0.38
CA GLN A 29 -4.58 -1.25 1.67
C GLN A 29 -3.85 -2.54 1.97
N PHE A 30 -4.49 -3.68 1.75
CA PHE A 30 -3.89 -4.95 2.16
C PHE A 30 -3.12 -5.80 1.14
N CYS A 31 -3.32 -5.60 -0.15
CA CYS A 31 -2.59 -6.40 -1.10
C CYS A 31 -1.07 -6.09 -0.96
N GLY A 32 -0.22 -7.13 -1.07
CA GLY A 32 1.20 -6.98 -0.80
C GLY A 32 1.57 -7.39 0.63
N THR A 33 0.57 -7.57 1.50
CA THR A 33 0.86 -8.04 2.87
C THR A 33 1.40 -9.48 2.83
N PRO A 34 2.58 -9.72 3.41
CA PRO A 34 3.17 -11.08 3.50
C PRO A 34 2.26 -11.99 4.34
N VAL A 35 2.11 -13.23 3.89
CA VAL A 35 1.12 -14.13 4.49
C VAL A 35 1.60 -15.55 4.24
N SER A 36 1.26 -16.45 5.14
CA SER A 36 1.60 -17.86 4.97
C SER A 36 0.37 -18.66 5.40
N PRO A 37 0.34 -19.96 5.10
CA PRO A 37 -0.81 -20.80 5.52
C PRO A 37 -1.26 -20.57 6.96
N GLY A 38 -0.37 -20.39 7.91
CA GLY A 38 -0.97 -20.17 9.19
C GLY A 38 -0.63 -18.95 9.99
N THR A 39 -0.22 -17.84 9.38
CA THR A 39 -0.93 -16.55 9.19
C THR A 39 -2.37 -16.21 8.83
N ALA A 40 -3.10 -16.99 8.05
CA ALA A 40 -3.64 -16.56 6.80
C ALA A 40 -4.97 -16.13 7.51
N GLU A 41 -5.38 -16.89 8.54
CA GLU A 41 -6.62 -16.56 9.27
C GLU A 41 -6.57 -15.34 10.17
N GLU A 42 -5.46 -15.14 10.88
CA GLU A 42 -5.28 -13.88 11.61
C GLU A 42 -5.23 -12.65 10.68
N VAL A 43 -4.64 -12.78 9.50
CA VAL A 43 -4.64 -11.64 8.55
C VAL A 43 -6.07 -11.35 8.11
N ALA A 44 -6.79 -12.41 7.72
CA ALA A 44 -8.19 -12.29 7.30
C ALA A 44 -9.00 -11.54 8.35
N LYS A 45 -8.85 -11.93 9.63
CA LYS A 45 -9.51 -11.26 10.73
C LYS A 45 -9.12 -9.79 10.95
N CYS A 46 -7.81 -9.48 10.82
CA CYS A 46 -7.37 -8.07 10.84
C CYS A 46 -8.09 -7.27 9.77
N ILE A 47 -8.16 -7.82 8.55
CA ILE A 47 -8.90 -7.20 7.43
C ILE A 47 -10.40 -6.96 7.77
N GLU A 48 -11.07 -7.97 8.33
CA GLU A 48 -12.45 -7.81 8.81
C GLU A 48 -12.60 -6.63 9.74
N ARG A 49 -11.75 -6.57 10.74
CA ARG A 49 -11.83 -5.54 11.77
C ARG A 49 -11.61 -4.13 11.23
N ALA A 50 -10.68 -4.00 10.28
CA ALA A 50 -10.47 -2.71 9.61
C ALA A 50 -11.69 -2.40 8.73
N ALA A 51 -12.29 -3.42 8.11
CA ALA A 51 -13.46 -3.12 7.27
C ALA A 51 -14.64 -2.62 8.12
N LEU A 52 -14.70 -3.08 9.35
CA LEU A 52 -15.82 -2.78 10.27
C LEU A 52 -15.81 -1.35 10.81
N LEU A 53 -14.71 -0.63 10.61
CA LEU A 53 -14.61 0.76 11.03
C LEU A 53 -15.15 1.73 9.99
N GLN A 54 -15.28 1.25 8.76
CA GLN A 54 -15.67 2.13 7.65
C GLN A 54 -17.15 2.50 7.79
N PRO A 55 -17.53 3.70 7.34
CA PRO A 55 -18.95 4.05 7.49
C PRO A 55 -19.92 3.04 6.89
N CYS A 56 -20.90 2.61 7.70
CA CYS A 56 -22.06 1.78 7.30
C CYS A 56 -21.83 0.27 7.32
N VAL A 57 -20.56 -0.14 7.40
CA VAL A 57 -20.24 -1.56 7.37
C VAL A 57 -20.70 -2.17 8.69
N ILE A 58 -21.49 -3.23 8.61
CA ILE A 58 -22.05 -3.88 9.79
C ILE A 58 -21.65 -5.36 9.80
N ASP A 59 -21.23 -5.89 8.65
CA ASP A 59 -20.70 -7.24 8.60
C ASP A 59 -19.53 -7.35 7.59
N ALA A 60 -18.47 -8.04 7.96
CA ALA A 60 -17.38 -8.30 7.03
C ALA A 60 -16.92 -9.73 7.22
N ARG A 61 -16.73 -10.42 6.10
CA ARG A 61 -16.21 -11.77 6.13
C ARG A 61 -15.09 -11.84 5.09
N VAL A 62 -13.91 -12.29 5.53
CA VAL A 62 -12.72 -12.24 4.71
C VAL A 62 -12.03 -13.61 4.70
N GLU A 63 -11.70 -14.11 3.52
CA GLU A 63 -10.84 -15.27 3.44
C GLU A 63 -9.58 -14.97 2.64
N VAL A 64 -8.46 -15.38 3.21
CA VAL A 64 -7.21 -15.30 2.54
C VAL A 64 -6.72 -16.75 2.28
N ASP A 65 -6.75 -17.17 1.01
CA ASP A 65 -6.56 -18.57 0.66
C ASP A 65 -5.18 -18.95 0.15
N VAL A 66 -4.33 -19.39 1.06
CA VAL A 66 -2.93 -19.61 0.81
C VAL A 66 -2.58 -21.09 1.09
N SER A 67 -1.85 -21.73 0.19
CA SER A 67 -1.38 -23.11 0.43
C SER A 67 0.14 -23.17 0.36
N SER A 68 0.75 -24.24 0.88
CA SER A 68 2.20 -24.35 0.94
C SER A 68 2.90 -24.18 -0.43
N GLU A 69 2.21 -24.52 -1.51
CA GLU A 69 2.68 -24.33 -2.85
C GLU A 69 2.90 -22.84 -3.21
N ASP A 70 2.03 -21.96 -2.69
CA ASP A 70 2.14 -20.50 -2.90
C ASP A 70 3.41 -19.98 -2.24
N THR A 71 3.93 -20.78 -1.32
CA THR A 71 5.05 -20.38 -0.47
C THR A 71 6.32 -21.15 -0.82
N ASP A 72 6.27 -21.90 -1.92
CA ASP A 72 7.41 -22.68 -2.39
C ASP A 72 8.44 -21.78 -3.14
N ASN A 73 9.15 -20.93 -2.40
CA ASN A 73 10.05 -19.97 -3.00
C ASN A 73 11.06 -19.52 -1.96
N TYR A 74 12.10 -18.77 -2.37
CA TYR A 74 13.17 -18.37 -1.45
C TYR A 74 12.72 -17.80 -0.08
N GLY A 75 11.70 -16.94 -0.08
CA GLY A 75 11.22 -16.28 1.14
C GLY A 75 10.42 -17.20 2.04
N GLY A 76 9.79 -18.21 1.44
CA GLY A 76 8.89 -19.10 2.17
C GLY A 76 7.57 -18.47 2.60
N TYR A 77 7.12 -17.46 1.85
CA TYR A 77 5.83 -16.83 2.12
C TYR A 77 5.24 -16.34 0.84
N THR A 78 3.99 -15.96 0.92
CA THR A 78 3.40 -15.30 -0.21
C THR A 78 2.79 -13.95 0.23
N GLU A 79 1.95 -13.35 -0.61
CA GLU A 79 1.40 -12.05 -0.31
C GLU A 79 -0.10 -12.07 -0.58
N VAL A 80 -0.86 -11.34 0.21
CA VAL A 80 -2.30 -11.19 -0.06
C VAL A 80 -2.42 -10.54 -1.45
N SER A 81 -3.31 -11.05 -2.26
CA SER A 81 -3.45 -10.55 -3.61
C SER A 81 -4.87 -10.78 -4.16
N GLY A 82 -5.13 -10.16 -5.31
CA GLY A 82 -6.34 -10.41 -6.08
C GLY A 82 -6.71 -11.88 -6.21
N ARG A 83 -5.69 -12.76 -6.28
CA ARG A 83 -5.92 -14.19 -6.46
C ARG A 83 -6.27 -14.96 -5.18
N ASN A 84 -5.81 -14.52 -4.01
CA ASN A 84 -6.11 -15.30 -2.82
C ASN A 84 -7.14 -14.65 -1.85
N LEU A 85 -7.65 -13.46 -2.22
CA LEU A 85 -8.42 -12.66 -1.28
C LEU A 85 -9.90 -12.71 -1.65
N ARG A 86 -10.75 -13.15 -0.73
CA ARG A 86 -12.21 -13.15 -0.93
C ARG A 86 -12.85 -12.32 0.18
N VAL A 87 -13.78 -11.45 -0.20
CA VAL A 87 -14.42 -10.60 0.77
C VAL A 87 -15.90 -10.49 0.44
N THR A 88 -16.74 -10.59 1.46
CA THR A 88 -18.13 -10.17 1.42
C THR A 88 -18.27 -9.11 2.48
N ILE A 89 -18.80 -7.95 2.11
CA ILE A 89 -19.17 -6.97 3.10
C ILE A 89 -20.65 -6.62 2.97
N VAL A 90 -21.27 -6.31 4.11
CA VAL A 90 -22.65 -5.81 4.14
C VAL A 90 -22.60 -4.37 4.69
N THR A 91 -23.14 -3.43 3.91
CA THR A 91 -23.36 -2.07 4.37
C THR A 91 -24.83 -1.85 4.74
N ARG A 92 -25.06 -1.06 5.80
CA ARG A 92 -26.39 -0.57 6.11
C ARG A 92 -26.33 0.92 6.34
N CYS A 93 -27.06 1.65 5.52
CA CYS A 93 -27.28 3.09 5.75
C CYS A 93 -28.79 3.28 5.92
N GLY A 94 -29.21 3.67 7.12
CA GLY A 94 -30.66 3.83 7.40
C GLY A 94 -31.41 2.54 7.22
N GLU A 95 -32.35 2.51 6.27
CA GLU A 95 -33.24 1.35 6.03
C GLU A 95 -32.74 0.40 4.93
N TRP A 96 -31.61 0.73 4.29
CA TRP A 96 -31.13 -0.07 3.15
C TRP A 96 -29.79 -0.74 3.36
N GLU A 97 -29.66 -1.91 2.75
CA GLU A 97 -28.47 -2.71 2.81
C GLU A 97 -27.95 -3.07 1.43
N ALA A 98 -26.63 -3.09 1.30
CA ALA A 98 -26.01 -3.58 0.09
C ALA A 98 -24.99 -4.64 0.47
N VAL A 99 -24.99 -5.74 -0.28
CA VAL A 99 -23.99 -6.79 -0.12
C VAL A 99 -22.93 -6.60 -1.21
N GLY A 100 -21.69 -6.33 -0.79
CA GLY A 100 -20.58 -6.13 -1.73
C GLY A 100 -19.68 -7.34 -1.63
N LYS A 101 -19.22 -7.82 -2.78
CA LYS A 101 -18.34 -9.00 -2.85
C LYS A 101 -17.08 -8.74 -3.68
N LEU A 102 -16.00 -9.41 -3.28
CA LEU A 102 -14.74 -9.40 -4.05
C LEU A 102 -14.32 -10.82 -4.15
N GLU A 103 -13.96 -11.23 -5.36
CA GLU A 103 -13.46 -12.58 -5.56
C GLU A 103 -12.72 -12.68 -6.90
N PHE A 104 -11.63 -13.45 -6.98
CA PHE A 104 -11.05 -13.80 -8.29
C PHE A 104 -11.99 -14.68 -9.15
N ILE A 105 -12.35 -14.23 -10.33
CA ILE A 105 -13.28 -14.97 -11.19
C ILE A 105 -12.49 -15.49 -12.37
N GLU A 106 -12.32 -16.80 -12.43
CA GLU A 106 -11.41 -17.47 -13.36
C GLU A 106 -11.72 -17.16 -14.81
N GLU A 107 -12.99 -17.24 -15.18
CA GLU A 107 -13.44 -16.95 -16.54
C GLU A 107 -13.08 -15.54 -16.93
N LEU A 108 -13.05 -14.66 -15.93
CA LEU A 108 -12.69 -13.25 -16.15
C LEU A 108 -11.21 -12.92 -15.96
N ASN A 109 -10.45 -13.88 -15.40
CA ASN A 109 -9.02 -13.68 -15.06
C ASN A 109 -8.78 -12.42 -14.21
N TYR A 110 -9.76 -12.10 -13.35
CA TYR A 110 -9.85 -10.78 -12.70
C TYR A 110 -10.51 -10.88 -11.32
N PRO A 111 -9.96 -10.15 -10.35
CA PRO A 111 -10.64 -10.02 -9.05
C PRO A 111 -11.80 -9.03 -9.21
N LEU A 112 -12.99 -9.54 -9.46
CA LEU A 112 -14.12 -8.68 -9.72
C LEU A 112 -14.70 -8.21 -8.35
N MET A 113 -15.12 -6.95 -8.29
CA MET A 113 -15.94 -6.45 -7.20
C MET A 113 -17.35 -6.25 -7.72
N TRP A 114 -18.33 -6.61 -6.91
CA TRP A 114 -19.70 -6.48 -7.41
C TRP A 114 -20.68 -6.40 -6.27
N VAL A 115 -21.89 -6.00 -6.64
CA VAL A 115 -23.00 -5.92 -5.72
C VAL A 115 -23.84 -7.17 -5.89
N GLU A 116 -23.84 -8.03 -4.87
CA GLU A 116 -24.61 -9.28 -4.87
C GLU A 116 -26.09 -8.97 -4.65
N GLU A 117 -26.37 -7.98 -3.80
CA GLU A 117 -27.74 -7.79 -3.28
CA GLU A 117 -27.74 -7.71 -3.41
C GLU A 117 -27.90 -6.33 -2.77
N ILE A 118 -29.03 -5.72 -3.05
CA ILE A 118 -29.47 -4.45 -2.45
C ILE A 118 -30.89 -4.72 -1.96
N ARG A 119 -31.16 -4.45 -0.68
CA ARG A 119 -32.37 -4.88 0.00
C ARG A 119 -32.71 -3.99 1.22
N ARG A 120 -34.00 -3.89 1.50
CA ARG A 120 -34.50 -3.19 2.68
C ARG A 120 -34.16 -4.02 3.89
N VAL A 121 -33.87 -3.36 5.01
CA VAL A 121 -33.71 -4.06 6.28
C VAL A 121 -35.05 -4.64 6.71
N TYR B 5 -22.84 -11.00 -13.27
CA TYR B 5 -22.75 -10.30 -11.95
C TYR B 5 -23.45 -8.93 -11.95
N PHE B 6 -23.82 -8.45 -13.14
CA PHE B 6 -24.51 -7.14 -13.26
C PHE B 6 -25.88 -7.20 -13.92
N LYS B 7 -26.49 -8.39 -13.84
CA LYS B 7 -27.79 -8.67 -14.43
C LYS B 7 -28.91 -7.76 -13.90
N ARG B 8 -28.88 -7.47 -12.60
CA ARG B 8 -29.94 -6.71 -11.93
C ARG B 8 -29.50 -5.33 -11.40
N LEU B 9 -28.18 -5.09 -11.32
CA LEU B 9 -27.66 -3.76 -11.00
C LEU B 9 -27.90 -2.76 -12.13
N SER B 10 -28.50 -1.62 -11.84
CA SER B 10 -28.73 -0.62 -12.86
C SER B 10 -27.40 0.05 -13.22
N ASP B 11 -27.34 0.70 -14.37
CA ASP B 11 -26.16 1.52 -14.73
C ASP B 11 -25.91 2.70 -13.77
N ARG B 12 -27.01 3.30 -13.33
CA ARG B 12 -26.97 4.36 -12.34
C ARG B 12 -26.30 3.88 -11.04
N GLU B 13 -26.70 2.69 -10.59
CA GLU B 13 -26.14 2.08 -9.40
C GLU B 13 -24.65 1.72 -9.60
N ARG B 14 -24.30 1.22 -10.78
CA ARG B 14 -22.92 0.83 -11.04
C ARG B 14 -22.01 2.06 -11.10
N ALA B 15 -22.51 3.15 -11.68
CA ALA B 15 -21.75 4.40 -11.70
C ALA B 15 -21.37 4.82 -10.30
N ILE B 16 -22.33 4.85 -9.40
CA ILE B 16 -22.06 5.14 -7.96
C ILE B 16 -21.04 4.16 -7.30
N PHE B 17 -21.21 2.86 -7.57
CA PHE B 17 -20.43 1.77 -6.95
C PHE B 17 -18.97 1.86 -7.38
N GLU B 18 -18.73 1.98 -8.70
CA GLU B 18 -17.39 2.18 -9.27
C GLU B 18 -16.71 3.49 -8.84
N ALA B 19 -17.49 4.54 -8.61
CA ALA B 19 -16.90 5.78 -8.09
C ALA B 19 -16.37 5.54 -6.67
N GLY B 20 -17.19 4.91 -5.83
CA GLY B 20 -16.74 4.50 -4.51
C GLY B 20 -15.49 3.62 -4.56
N ILE B 21 -15.52 2.56 -5.39
CA ILE B 21 -14.41 1.64 -5.51
C ILE B 21 -13.16 2.47 -5.88
N THR B 22 -13.28 3.34 -6.89
CA THR B 22 -12.11 4.04 -7.43
C THR B 22 -11.49 5.01 -6.42
N LEU B 23 -12.35 5.65 -5.64
CA LEU B 23 -11.90 6.60 -4.62
C LEU B 23 -11.24 5.90 -3.45
N GLY B 24 -11.84 4.80 -2.96
CA GLY B 24 -11.18 3.98 -1.91
C GLY B 24 -9.81 3.50 -2.36
N ALA B 25 -9.72 3.05 -3.62
CA ALA B 25 -8.49 2.46 -4.15
C ALA B 25 -7.37 3.47 -4.26
N ILE B 26 -7.67 4.62 -4.86
CA ILE B 26 -6.75 5.74 -4.96
C ILE B 26 -6.19 6.10 -3.58
N TYR B 27 -7.10 6.26 -2.63
CA TYR B 27 -6.75 6.73 -1.32
C TYR B 27 -5.78 5.79 -0.69
N HIS B 28 -6.13 4.50 -0.72
CA HIS B 28 -5.31 3.55 -0.02
C HIS B 28 -4.10 3.11 -0.84
N GLN B 29 -4.19 3.16 -2.16
CA GLN B 29 -2.99 2.84 -2.95
C GLN B 29 -1.89 3.88 -2.80
N PHE B 30 -2.25 5.16 -2.75
CA PHE B 30 -1.26 6.23 -2.85
C PHE B 30 -0.95 6.99 -1.57
N CYS B 31 -1.80 6.86 -0.56
CA CYS B 31 -1.45 7.47 0.72
C CYS B 31 -0.12 6.88 1.24
N GLY B 32 0.73 7.76 1.79
CA GLY B 32 2.11 7.44 2.19
C GLY B 32 3.21 7.61 1.12
N THR B 33 2.83 7.89 -0.11
CA THR B 33 3.81 8.14 -1.16
C THR B 33 4.60 9.41 -0.84
N PRO B 34 5.96 9.32 -0.81
CA PRO B 34 6.82 10.47 -0.58
C PRO B 34 6.51 11.48 -1.65
N VAL B 35 6.31 12.73 -1.25
CA VAL B 35 6.00 13.79 -2.20
C VAL B 35 6.69 15.12 -1.75
N SER B 36 6.96 16.01 -2.70
CA SER B 36 7.46 17.35 -2.40
C SER B 36 6.74 18.28 -3.36
N PRO B 37 6.81 19.61 -3.11
CA PRO B 37 6.23 20.55 -4.07
C PRO B 37 6.67 20.33 -5.52
N GLY B 38 7.89 19.86 -5.71
CA GLY B 38 8.44 19.62 -7.04
C GLY B 38 8.03 18.32 -7.71
N THR B 39 7.57 17.35 -6.93
CA THR B 39 7.03 16.08 -7.47
C THR B 39 5.55 15.99 -7.88
N ALA B 40 4.67 16.94 -7.55
CA ALA B 40 3.53 16.81 -6.67
C ALA B 40 2.54 16.73 -7.84
N GLU B 41 2.79 17.55 -8.87
CA GLU B 41 1.98 17.53 -10.11
C GLU B 41 2.15 16.24 -10.87
N GLU B 42 3.37 15.77 -10.99
CA GLU B 42 3.64 14.51 -11.67
C GLU B 42 3.05 13.32 -10.89
N VAL B 43 3.08 13.36 -9.57
CA VAL B 43 2.40 12.32 -8.74
C VAL B 43 0.89 12.33 -9.04
N ALA B 44 0.30 13.51 -8.97
CA ALA B 44 -1.10 13.70 -9.36
C ALA B 44 -1.41 13.02 -10.69
N LYS B 45 -0.54 13.21 -11.68
CA LYS B 45 -0.77 12.69 -13.03
C LYS B 45 -0.78 11.18 -13.10
N CYS B 46 0.19 10.54 -12.44
CA CYS B 46 0.22 9.07 -12.37
C CYS B 46 -1.00 8.52 -11.61
N ILE B 47 -1.45 9.21 -10.58
CA ILE B 47 -2.68 8.83 -9.89
C ILE B 47 -3.88 8.89 -10.86
N GLU B 48 -4.01 10.00 -11.58
CA GLU B 48 -5.05 10.14 -12.63
C GLU B 48 -5.06 8.99 -13.63
N ARG B 49 -3.89 8.65 -14.17
CA ARG B 49 -3.80 7.64 -15.21
C ARG B 49 -4.12 6.28 -14.60
N ALA B 50 -3.73 6.07 -13.34
CA ALA B 50 -4.04 4.80 -12.70
C ALA B 50 -5.59 4.72 -12.54
N ALA B 51 -6.20 5.78 -12.04
CA ALA B 51 -7.66 5.86 -11.94
C ALA B 51 -8.36 5.55 -13.29
N LEU B 52 -7.88 6.12 -14.39
CA LEU B 52 -8.52 6.04 -15.68
C LEU B 52 -8.55 4.65 -16.27
N LEU B 53 -7.77 3.76 -15.68
CA LEU B 53 -7.75 2.39 -16.09
C LEU B 53 -8.93 1.60 -15.51
N GLN B 54 -9.49 2.05 -14.39
CA GLN B 54 -10.48 1.24 -13.73
C GLN B 54 -11.89 1.34 -14.35
N PRO B 55 -12.71 0.27 -14.16
CA PRO B 55 -14.02 0.22 -14.82
C PRO B 55 -14.86 1.48 -14.59
N CYS B 56 -15.37 1.98 -15.70
CA CYS B 56 -16.32 3.07 -15.81
C CYS B 56 -15.70 4.43 -15.68
N VAL B 57 -14.44 4.50 -15.27
CA VAL B 57 -13.81 5.80 -15.07
C VAL B 57 -13.48 6.48 -16.42
N ILE B 58 -14.13 7.59 -16.70
CA ILE B 58 -13.86 8.35 -17.95
C ILE B 58 -13.13 9.69 -17.72
N ASP B 59 -13.02 10.10 -16.47
CA ASP B 59 -12.26 11.31 -16.15
C ASP B 59 -11.72 11.27 -14.74
N ALA B 60 -10.59 11.91 -14.55
CA ALA B 60 -10.01 11.96 -13.21
C ALA B 60 -9.12 13.17 -13.10
N ARG B 61 -9.40 13.96 -12.09
CA ARG B 61 -8.59 15.15 -11.82
C ARG B 61 -8.08 15.12 -10.40
N VAL B 62 -6.76 15.13 -10.26
CA VAL B 62 -6.17 14.96 -8.96
C VAL B 62 -5.24 16.10 -8.68
N GLU B 63 -5.30 16.61 -7.46
CA GLU B 63 -4.22 17.46 -6.98
C GLU B 63 -3.62 16.97 -5.67
N VAL B 64 -2.30 17.07 -5.57
CA VAL B 64 -1.63 16.89 -4.30
C VAL B 64 -1.11 18.25 -3.87
N ASP B 65 -1.73 18.80 -2.83
CA ASP B 65 -1.51 20.19 -2.42
C ASP B 65 -0.43 20.29 -1.33
N VAL B 66 0.83 20.37 -1.74
CA VAL B 66 1.94 20.41 -0.80
C VAL B 66 2.73 21.72 -0.81
N SER B 67 2.86 22.33 0.37
CA SER B 67 3.55 23.60 0.55
C SER B 67 4.99 23.41 1.04
N SER B 68 5.71 24.53 1.17
CA SER B 68 7.03 24.52 1.79
C SER B 68 6.88 24.70 3.30
N THR B 71 7.03 20.65 4.43
CA THR B 71 8.21 19.79 4.23
C THR B 71 9.42 20.13 5.12
N ASP B 72 9.16 20.92 6.16
CA ASP B 72 10.20 21.29 7.15
C ASP B 72 10.27 20.24 8.28
N ASN B 73 11.21 19.34 8.05
CA ASN B 73 11.42 18.15 8.86
C ASN B 73 12.71 17.48 8.36
N TYR B 74 13.10 16.41 9.03
CA TYR B 74 14.38 15.73 8.79
C TYR B 74 14.57 15.26 7.34
N GLY B 75 13.58 14.56 6.79
CA GLY B 75 13.63 14.01 5.43
C GLY B 75 13.51 15.05 4.34
N GLY B 76 12.87 16.18 4.65
CA GLY B 76 12.71 17.30 3.71
C GLY B 76 11.70 17.01 2.62
N TYR B 77 10.61 16.30 3.00
CA TYR B 77 9.46 15.97 2.12
C TYR B 77 8.27 15.59 3.00
N THR B 78 7.11 15.41 2.38
CA THR B 78 5.93 15.00 3.08
C THR B 78 5.37 13.75 2.41
N GLU B 79 4.12 13.40 2.70
CA GLU B 79 3.50 12.18 2.18
C GLU B 79 2.15 12.56 1.67
N VAL B 80 1.75 11.92 0.59
CA VAL B 80 0.38 11.95 0.13
C VAL B 80 -0.43 11.44 1.32
N SER B 81 -1.49 12.17 1.62
CA SER B 81 -2.38 11.84 2.72
C SER B 81 -3.75 12.44 2.43
N GLY B 82 -4.68 12.13 3.32
CA GLY B 82 -6.04 12.70 3.28
C GLY B 82 -6.06 14.18 3.57
N ARG B 83 -5.00 14.69 4.18
CA ARG B 83 -4.91 16.13 4.40
C ARG B 83 -4.58 16.88 3.10
N ASN B 84 -3.74 16.32 2.22
CA ASN B 84 -3.31 17.01 1.01
C ASN B 84 -3.86 16.50 -0.34
N LEU B 85 -4.62 15.41 -0.33
CA LEU B 85 -5.08 14.78 -1.59
C LEU B 85 -6.47 15.28 -1.93
N ARG B 86 -6.65 15.73 -3.17
CA ARG B 86 -7.96 16.17 -3.64
C ARG B 86 -8.21 15.42 -4.90
N VAL B 87 -9.38 14.81 -5.01
CA VAL B 87 -9.70 14.00 -6.17
C VAL B 87 -11.12 14.32 -6.59
N THR B 88 -11.30 14.45 -7.91
CA THR B 88 -12.61 14.37 -8.55
C THR B 88 -12.49 13.35 -9.67
N ILE B 89 -13.36 12.35 -9.66
CA ILE B 89 -13.45 11.41 -10.77
C ILE B 89 -14.84 11.37 -11.31
N VAL B 90 -14.95 11.19 -12.62
CA VAL B 90 -16.24 10.95 -13.23
C VAL B 90 -16.30 9.47 -13.67
N THR B 91 -17.33 8.74 -13.22
CA THR B 91 -17.60 7.41 -13.74
C THR B 91 -18.77 7.45 -14.73
N ARG B 92 -18.66 6.65 -15.77
CA ARG B 92 -19.73 6.49 -16.75
C ARG B 92 -19.98 5.00 -16.98
N CYS B 93 -21.14 4.50 -16.56
CA CYS B 93 -21.52 3.16 -16.96
C CYS B 93 -22.84 3.29 -17.79
N GLY B 94 -22.79 2.91 -19.06
CA GLY B 94 -23.89 3.18 -20.00
C GLY B 94 -24.20 4.67 -20.17
N GLU B 95 -25.42 5.08 -19.78
CA GLU B 95 -25.89 6.48 -19.87
C GLU B 95 -25.81 7.27 -18.55
N TRP B 96 -25.31 6.63 -17.49
CA TRP B 96 -25.24 7.28 -16.20
C TRP B 96 -23.81 7.63 -15.82
N GLU B 97 -23.65 8.81 -15.22
CA GLU B 97 -22.38 9.29 -14.73
C GLU B 97 -22.53 9.60 -13.26
N ALA B 98 -21.50 9.27 -12.47
CA ALA B 98 -21.42 9.82 -11.12
C ALA B 98 -20.17 10.68 -10.97
N VAL B 99 -20.29 11.78 -10.25
CA VAL B 99 -19.12 12.59 -9.94
C VAL B 99 -18.72 12.29 -8.51
N GLY B 100 -17.57 11.63 -8.36
CA GLY B 100 -17.07 11.28 -7.06
C GLY B 100 -15.93 12.20 -6.66
N LYS B 101 -15.91 12.57 -5.38
CA LYS B 101 -14.92 13.49 -4.86
C LYS B 101 -14.31 13.03 -3.55
N LEU B 102 -13.03 13.35 -3.40
CA LEU B 102 -12.30 13.20 -2.15
C LEU B 102 -11.58 14.52 -1.84
N GLU B 103 -11.69 14.97 -0.58
CA GLU B 103 -11.10 16.22 -0.15
C GLU B 103 -11.16 16.29 1.38
N PHE B 104 -10.08 16.75 2.02
CA PHE B 104 -10.13 17.04 3.47
C PHE B 104 -11.13 18.17 3.76
N ILE B 105 -12.11 17.88 4.61
CA ILE B 105 -13.18 18.83 4.91
C ILE B 105 -12.84 19.39 6.29
N GLU B 106 -12.30 20.61 6.28
CA GLU B 106 -11.76 21.19 7.53
C GLU B 106 -12.72 21.10 8.72
N GLU B 107 -14.03 21.23 8.46
CA GLU B 107 -15.07 21.29 9.48
C GLU B 107 -15.32 19.96 10.16
N LEU B 108 -15.11 18.87 9.42
CA LEU B 108 -15.29 17.50 9.95
C LEU B 108 -14.01 16.84 10.43
N ASN B 109 -12.85 17.44 10.17
CA ASN B 109 -11.55 16.83 10.55
C ASN B 109 -11.30 15.44 9.90
N TYR B 110 -11.65 15.28 8.63
CA TYR B 110 -11.61 13.97 7.98
C TYR B 110 -11.62 14.17 6.45
N PRO B 111 -10.89 13.33 5.70
CA PRO B 111 -10.99 13.38 4.26
C PRO B 111 -12.28 12.70 3.82
N LEU B 112 -13.22 13.51 3.36
CA LEU B 112 -14.52 12.95 3.03
C LEU B 112 -14.57 12.51 1.57
N MET B 113 -15.22 11.38 1.36
CA MET B 113 -15.58 10.92 0.02
C MET B 113 -17.05 11.11 -0.13
N TRP B 114 -17.44 11.67 -1.26
CA TRP B 114 -18.87 11.91 -1.53
C TRP B 114 -19.15 11.91 -3.01
N VAL B 115 -20.43 11.86 -3.35
CA VAL B 115 -20.90 11.98 -4.72
C VAL B 115 -21.50 13.37 -4.95
N GLU B 116 -20.93 14.15 -5.86
CA GLU B 116 -21.41 15.54 -6.10
C GLU B 116 -22.67 15.52 -6.92
N GLU B 117 -22.67 14.69 -7.94
CA GLU B 117 -23.72 14.68 -8.93
C GLU B 117 -23.86 13.27 -9.49
N ILE B 118 -25.10 12.88 -9.74
CA ILE B 118 -25.43 11.69 -10.53
C ILE B 118 -26.27 12.25 -11.65
N ARG B 119 -25.97 11.87 -12.89
CA ARG B 119 -26.57 12.53 -14.04
C ARG B 119 -26.58 11.61 -15.27
N ARG B 120 -27.63 11.74 -16.07
CA ARG B 120 -27.80 11.02 -17.33
C ARG B 120 -27.13 11.79 -18.48
N TYR C 5 24.05 -14.19 -4.89
CA TYR C 5 23.50 -12.81 -4.58
C TYR C 5 24.12 -12.21 -3.33
N PHE C 6 24.44 -13.07 -2.37
CA PHE C 6 25.04 -12.63 -1.14
C PHE C 6 26.49 -13.10 -0.94
N LYS C 7 27.19 -13.44 -2.04
CA LYS C 7 28.52 -14.06 -1.90
C LYS C 7 29.52 -13.13 -1.24
N ARG C 8 29.37 -11.83 -1.48
CA ARG C 8 30.30 -10.81 -0.97
C ARG C 8 29.72 -9.96 0.17
N LEU C 9 28.44 -10.12 0.49
CA LEU C 9 27.82 -9.32 1.55
C LEU C 9 28.00 -9.99 2.92
N SER C 10 28.65 -9.26 3.81
CA SER C 10 28.84 -9.76 5.14
C SER C 10 27.49 -9.93 5.84
N ASP C 11 27.38 -10.91 6.73
CA ASP C 11 26.14 -11.10 7.45
C ASP C 11 25.80 -9.96 8.38
N ARG C 12 26.81 -9.18 8.74
CA ARG C 12 26.64 -8.05 9.62
C ARG C 12 25.88 -6.99 8.83
N GLU C 13 26.31 -6.80 7.59
CA GLU C 13 25.71 -5.78 6.77
C GLU C 13 24.39 -6.24 6.18
N ARG C 14 24.24 -7.58 6.03
CA ARG C 14 22.96 -8.12 5.64
C ARG C 14 21.90 -7.87 6.72
N ALA C 15 22.29 -8.02 7.98
CA ALA C 15 21.40 -7.79 9.09
C ALA C 15 20.92 -6.36 9.00
N ILE C 16 21.83 -5.42 8.66
CA ILE C 16 21.46 -4.02 8.52
C ILE C 16 20.51 -3.74 7.34
N PHE C 17 20.86 -4.23 6.14
CA PHE C 17 20.03 -4.16 4.93
C PHE C 17 18.58 -4.65 5.21
N GLU C 18 18.45 -5.82 5.84
CA GLU C 18 17.16 -6.46 6.08
C GLU C 18 16.29 -5.68 7.07
N ALA C 19 16.90 -5.17 8.14
CA ALA C 19 16.22 -4.25 9.05
C ALA C 19 15.61 -3.11 8.27
N GLY C 20 16.42 -2.47 7.42
CA GLY C 20 15.98 -1.36 6.52
C GLY C 20 14.81 -1.76 5.64
N ILE C 21 14.99 -2.86 4.92
CA ILE C 21 13.88 -3.42 4.11
C ILE C 21 12.60 -3.59 4.93
N THR C 22 12.70 -4.16 6.13
CA THR C 22 11.50 -4.50 6.92
C THR C 22 10.79 -3.28 7.48
N LEU C 23 11.58 -2.27 7.89
CA LEU C 23 11.01 -1.04 8.40
C LEU C 23 10.28 -0.33 7.27
N GLY C 24 10.93 -0.23 6.11
CA GLY C 24 10.30 0.44 4.94
C GLY C 24 9.01 -0.26 4.50
N ALA C 25 9.06 -1.59 4.46
CA ALA C 25 7.96 -2.47 4.11
C ALA C 25 6.80 -2.36 5.08
N ILE C 26 7.06 -2.56 6.37
CA ILE C 26 6.05 -2.25 7.42
C ILE C 26 5.41 -0.88 7.27
N TYR C 27 6.24 0.16 7.27
CA TYR C 27 5.74 1.52 7.14
C TYR C 27 4.80 1.66 5.93
N HIS C 28 5.25 1.21 4.76
CA HIS C 28 4.43 1.53 3.58
C HIS C 28 3.27 0.56 3.29
N GLN C 29 3.35 -0.66 3.81
CA GLN C 29 2.24 -1.59 3.70
C GLN C 29 1.03 -1.17 4.55
N PHE C 30 1.30 -0.60 5.71
CA PHE C 30 0.28 -0.52 6.76
C PHE C 30 -0.20 0.84 7.08
N CYS C 31 0.61 1.86 6.81
CA CYS C 31 0.12 3.23 6.97
C CYS C 31 -1.10 3.40 6.09
N GLY C 32 -2.13 4.03 6.63
CA GLY C 32 -3.40 4.14 5.96
C GLY C 32 -4.44 3.18 6.52
N THR C 33 -4.02 2.13 7.23
CA THR C 33 -4.96 1.12 7.76
C THR C 33 -5.86 1.70 8.82
N PRO C 34 -7.20 1.57 8.66
CA PRO C 34 -8.12 2.14 9.63
C PRO C 34 -7.90 1.49 10.97
N VAL C 35 -7.86 2.30 12.03
CA VAL C 35 -7.60 1.77 13.35
C VAL C 35 -8.42 2.59 14.37
N SER C 36 -8.72 1.99 15.50
CA SER C 36 -9.35 2.65 16.66
C SER C 36 -8.72 2.04 17.91
N PRO C 37 -8.94 2.65 19.08
CA PRO C 37 -8.48 2.11 20.37
C PRO C 37 -8.70 0.64 20.62
N GLY C 38 -9.87 0.12 20.26
CA GLY C 38 -10.15 -1.32 20.34
C GLY C 38 -9.63 -2.18 19.18
N THR C 39 -9.05 -1.53 18.15
CA THR C 39 -8.44 -2.20 17.00
C THR C 39 -7.03 -2.71 17.28
N ALA C 40 -6.22 -2.06 18.11
CA ALA C 40 -5.16 -1.15 17.74
C ALA C 40 -4.06 -2.17 18.14
N GLU C 41 -4.38 -2.96 19.18
CA GLU C 41 -3.52 -4.02 19.66
C GLU C 41 -3.44 -5.16 18.68
N GLU C 42 -4.60 -5.51 18.16
CA GLU C 42 -4.73 -6.63 17.24
C GLU C 42 -4.10 -6.27 15.89
N VAL C 43 -4.17 -5.01 15.50
CA VAL C 43 -3.54 -4.52 14.29
C VAL C 43 -2.02 -4.69 14.49
N ALA C 44 -1.52 -4.25 15.65
CA ALA C 44 -0.09 -4.31 15.93
C ALA C 44 0.38 -5.74 15.80
N LYS C 45 -0.43 -6.68 16.29
CA LYS C 45 -0.09 -8.10 16.19
C LYS C 45 -0.02 -8.61 14.73
N CYS C 46 -0.95 -8.19 13.86
CA CYS C 46 -0.85 -8.55 12.45
C CYS C 46 0.42 -7.96 11.77
N ILE C 47 0.76 -6.71 12.09
CA ILE C 47 2.01 -6.13 11.63
C ILE C 47 3.27 -6.94 12.07
N GLU C 48 3.39 -7.26 13.36
CA GLU C 48 4.50 -8.09 13.86
C GLU C 48 4.56 -9.40 13.11
N ARG C 49 3.42 -10.04 12.97
CA ARG C 49 3.36 -11.34 12.27
C ARG C 49 3.72 -11.19 10.79
N ALA C 50 3.33 -10.07 10.19
CA ALA C 50 3.76 -9.82 8.79
C ALA C 50 5.29 -9.61 8.72
N ALA C 51 5.81 -8.75 9.60
CA ALA C 51 7.24 -8.52 9.73
C ALA C 51 8.03 -9.82 9.97
N LEU C 52 7.50 -10.71 10.81
CA LEU C 52 8.22 -11.94 11.17
C LEU C 52 8.39 -12.96 10.06
N LEU C 53 7.70 -12.79 8.94
CA LEU C 53 7.86 -13.71 7.82
C LEU C 53 9.07 -13.35 6.98
N GLN C 54 9.57 -12.14 7.20
CA GLN C 54 10.57 -11.58 6.31
C GLN C 54 11.97 -12.13 6.60
N PRO C 55 12.85 -12.11 5.57
CA PRO C 55 14.19 -12.67 5.67
C PRO C 55 14.99 -12.08 6.82
N CYS C 56 15.52 -12.95 7.67
CA CYS C 56 16.34 -12.61 8.84
C CYS C 56 15.56 -12.05 10.02
N VAL C 57 14.25 -11.82 9.87
CA VAL C 57 13.53 -11.26 11.02
C VAL C 57 13.28 -12.34 12.09
N ILE C 58 13.70 -12.07 13.31
CA ILE C 58 13.53 -13.04 14.39
C ILE C 58 12.69 -12.48 15.52
N ASP C 59 12.47 -11.17 15.51
CA ASP C 59 11.65 -10.53 16.55
C ASP C 59 11.06 -9.23 16.04
N ALA C 60 9.80 -9.00 16.41
CA ALA C 60 9.12 -7.78 16.00
C ALA C 60 8.18 -7.36 17.10
N ARG C 61 8.25 -6.10 17.50
CA ARG C 61 7.38 -5.51 18.51
C ARG C 61 6.76 -4.22 17.97
N VAL C 62 5.43 -4.15 17.98
CA VAL C 62 4.76 -3.04 17.35
C VAL C 62 3.76 -2.43 18.29
N GLU C 63 3.70 -1.11 18.31
CA GLU C 63 2.63 -0.39 18.98
C GLU C 63 1.96 0.57 18.02
N VAL C 64 0.63 0.56 18.04
CA VAL C 64 -0.14 1.64 17.42
C VAL C 64 -0.86 2.43 18.52
N ASP C 65 -0.36 3.65 18.71
CA ASP C 65 -0.78 4.54 19.78
C ASP C 65 -1.95 5.41 19.33
N VAL C 66 -3.17 4.88 19.50
CA VAL C 66 -4.38 5.56 19.04
C VAL C 66 -5.07 6.39 20.14
N ASN C 73 -13.85 12.98 15.02
CA ASN C 73 -14.14 13.25 13.61
C ASN C 73 -15.31 12.41 12.98
N TYR C 74 -15.75 12.81 11.79
CA TYR C 74 -16.86 12.16 11.09
C TYR C 74 -16.82 10.63 11.13
N GLY C 75 -15.74 10.04 10.59
CA GLY C 75 -15.60 8.58 10.44
C GLY C 75 -15.56 7.79 11.74
N GLY C 76 -15.19 8.46 12.84
CA GLY C 76 -15.11 7.81 14.15
C GLY C 76 -13.87 6.93 14.37
N TYR C 77 -12.93 6.94 13.41
CA TYR C 77 -11.65 6.20 13.53
C TYR C 77 -10.47 7.07 13.04
N THR C 78 -9.28 6.49 13.11
CA THR C 78 -8.09 7.13 12.59
C THR C 78 -7.35 6.07 11.75
N GLU C 79 -6.09 6.34 11.40
CA GLU C 79 -5.35 5.44 10.51
C GLU C 79 -4.00 5.18 11.12
N VAL C 80 -3.43 4.03 10.82
CA VAL C 80 -2.02 3.81 11.13
C VAL C 80 -1.20 4.91 10.42
N SER C 81 -0.39 5.64 11.18
CA SER C 81 0.45 6.70 10.56
C SER C 81 1.83 6.72 11.11
N GLY C 82 2.65 7.60 10.55
CA GLY C 82 3.98 7.85 11.04
C GLY C 82 3.92 8.45 12.43
N ARG C 83 2.81 9.13 12.75
CA ARG C 83 2.63 9.73 14.08
C ARG C 83 2.35 8.71 15.16
N ASN C 84 1.56 7.67 14.87
CA ASN C 84 1.13 6.76 15.93
C ASN C 84 1.79 5.38 15.89
N LEU C 85 2.63 5.13 14.88
CA LEU C 85 3.22 3.82 14.71
C LEU C 85 4.63 3.80 15.27
N ARG C 86 4.91 2.81 16.12
CA ARG C 86 6.23 2.56 16.72
C ARG C 86 6.60 1.10 16.50
N VAL C 87 7.86 0.86 16.14
CA VAL C 87 8.32 -0.47 15.76
C VAL C 87 9.78 -0.64 16.17
N THR C 88 10.07 -1.84 16.68
CA THR C 88 11.40 -2.36 16.95
C THR C 88 11.48 -3.74 16.31
N ILE C 89 12.46 -3.94 15.43
CA ILE C 89 12.65 -5.27 14.87
C ILE C 89 14.04 -5.74 15.21
N VAL C 90 14.21 -7.05 15.34
CA VAL C 90 15.54 -7.63 15.44
C VAL C 90 15.69 -8.45 14.19
N THR C 91 16.74 -8.23 13.42
CA THR C 91 17.12 -9.18 12.37
C THR C 91 18.34 -9.97 12.77
N ARG C 92 18.39 -11.22 12.33
CA ARG C 92 19.56 -12.04 12.56
C ARG C 92 20.03 -12.66 11.26
N CYS C 93 21.22 -12.32 10.83
CA CYS C 93 21.83 -13.02 9.69
C CYS C 93 23.13 -13.63 10.18
N GLY C 94 23.30 -14.93 10.01
CA GLY C 94 24.54 -15.59 10.49
C GLY C 94 24.77 -15.25 11.94
N GLU C 95 25.95 -14.75 12.28
CA GLU C 95 26.30 -14.54 13.70
C GLU C 95 26.00 -13.10 14.19
N TRP C 96 25.29 -12.32 13.36
CA TRP C 96 25.03 -10.89 13.63
C TRP C 96 23.57 -10.53 13.74
N GLU C 97 23.30 -9.55 14.58
CA GLU C 97 21.96 -9.01 14.84
C GLU C 97 21.98 -7.49 14.77
N ALA C 98 20.88 -6.94 14.22
CA ALA C 98 20.65 -5.52 14.20
C ALA C 98 19.31 -5.25 14.81
N VAL C 99 19.23 -4.19 15.60
CA VAL C 99 17.95 -3.73 16.15
C VAL C 99 17.57 -2.46 15.41
N GLY C 100 16.49 -2.54 14.64
CA GLY C 100 15.97 -1.41 13.86
C GLY C 100 14.74 -0.84 14.53
N LYS C 101 14.64 0.48 14.55
CA LYS C 101 13.53 1.19 15.17
C LYS C 101 12.85 2.14 14.20
N LEU C 102 11.54 2.32 14.41
CA LEU C 102 10.75 3.36 13.77
C LEU C 102 9.92 4.06 14.85
N GLU C 103 10.03 5.38 14.90
CA GLU C 103 9.27 6.15 15.86
C GLU C 103 9.20 7.63 15.43
N PHE C 104 8.07 8.29 15.71
CA PHE C 104 7.99 9.73 15.48
C PHE C 104 8.90 10.48 16.47
N ILE C 105 9.79 11.31 15.93
CA ILE C 105 10.68 12.10 16.76
C ILE C 105 10.25 13.56 16.65
N GLU C 106 9.81 14.13 17.79
CA GLU C 106 9.21 15.47 17.83
C GLU C 106 10.12 16.60 17.36
N GLU C 107 11.37 16.56 17.82
CA GLU C 107 12.39 17.56 17.46
C GLU C 107 12.70 17.51 15.96
N LEU C 108 12.54 16.33 15.37
CA LEU C 108 12.77 16.14 13.94
C LEU C 108 11.49 16.35 13.12
N ASN C 109 10.36 16.31 13.82
CA ASN C 109 9.02 16.40 13.20
C ASN C 109 8.83 15.38 12.06
N TYR C 110 9.32 14.15 12.30
CA TYR C 110 9.55 13.14 11.27
C TYR C 110 9.49 11.78 11.97
N PRO C 111 8.99 10.74 11.29
CA PRO C 111 9.11 9.37 11.82
C PRO C 111 10.45 8.82 11.40
N LEU C 112 11.34 8.65 12.34
CA LEU C 112 12.68 8.30 11.95
C LEU C 112 12.82 6.78 11.96
N MET C 113 13.49 6.24 10.94
CA MET C 113 13.99 4.90 10.97
C MET C 113 15.48 4.93 11.29
N TRP C 114 15.90 4.10 12.24
CA TRP C 114 17.31 4.07 12.64
C TRP C 114 17.67 2.73 13.19
N VAL C 115 18.96 2.42 13.18
CA VAL C 115 19.49 1.19 13.76
C VAL C 115 20.00 1.47 15.16
N GLU C 116 19.41 0.81 16.15
CA GLU C 116 19.73 1.07 17.56
C GLU C 116 21.02 0.39 17.97
N GLU C 117 21.26 -0.79 17.43
CA GLU C 117 22.53 -1.45 17.70
C GLU C 117 22.78 -2.54 16.66
N ILE C 118 24.05 -2.88 16.46
CA ILE C 118 24.43 -4.11 15.76
C ILE C 118 25.29 -4.90 16.74
N ARG C 119 24.98 -6.17 16.94
CA ARG C 119 25.65 -6.94 17.96
C ARG C 119 25.87 -8.36 17.48
N ARG C 120 26.87 -9.02 18.08
CA ARG C 120 27.14 -10.44 17.87
C ARG C 120 26.00 -11.20 18.49
N VAL C 121 25.70 -12.36 17.93
CA VAL C 121 24.74 -13.26 18.58
C VAL C 121 25.38 -13.88 19.83
N TYR D 5 21.71 6.04 18.61
CA TYR D 5 21.22 7.41 19.00
C TYR D 5 21.80 8.66 18.30
N PHE D 6 21.10 9.08 17.24
CA PHE D 6 20.49 8.12 16.35
C PHE D 6 21.59 7.89 15.29
N LYS D 7 22.85 7.97 15.72
CA LYS D 7 24.01 8.00 14.82
C LYS D 7 25.07 6.95 15.16
N ARG D 8 24.65 5.69 15.29
CA ARG D 8 25.55 4.54 15.58
C ARG D 8 26.15 3.93 14.31
N LEU D 9 25.45 4.12 13.19
CA LEU D 9 25.89 3.56 11.91
C LEU D 9 26.99 4.41 11.39
N SER D 10 28.09 3.80 10.96
CA SER D 10 29.07 4.50 10.14
C SER D 10 28.36 4.88 8.84
N ASP D 11 28.92 5.72 7.97
CA ASP D 11 28.03 6.01 6.84
C ASP D 11 28.00 5.00 5.69
N ARG D 12 28.95 4.07 5.69
CA ARG D 12 28.89 2.91 4.84
C ARG D 12 27.64 2.11 5.24
N GLU D 13 27.52 1.87 6.53
CA GLU D 13 26.42 1.16 7.14
C GLU D 13 25.07 1.86 6.90
N ARG D 14 25.05 3.18 7.07
CA ARG D 14 23.87 4.00 6.77
C ARG D 14 23.44 3.89 5.30
N ALA D 15 24.39 4.01 4.37
CA ALA D 15 24.11 3.79 2.94
C ALA D 15 23.44 2.41 2.71
N ILE D 16 23.91 1.39 3.42
CA ILE D 16 23.28 0.09 3.26
C ILE D 16 21.88 0.07 3.87
N PHE D 17 21.75 0.66 5.06
CA PHE D 17 20.48 0.79 5.75
C PHE D 17 19.42 1.50 4.88
N GLU D 18 19.77 2.65 4.32
CA GLU D 18 18.87 3.48 3.51
C GLU D 18 18.48 2.85 2.20
N ALA D 19 19.38 2.06 1.61
CA ALA D 19 19.06 1.30 0.40
C ALA D 19 17.97 0.27 0.74
N GLY D 20 18.13 -0.38 1.90
CA GLY D 20 17.14 -1.34 2.38
C GLY D 20 15.77 -0.66 2.55
N ILE D 21 15.75 0.47 3.25
CA ILE D 21 14.53 1.21 3.50
C ILE D 21 13.80 1.59 2.21
N THR D 22 14.56 2.09 1.23
CA THR D 22 13.96 2.54 -0.02
C THR D 22 13.41 1.39 -0.84
N LEU D 23 14.14 0.28 -0.91
CA LEU D 23 13.64 -0.91 -1.61
C LEU D 23 12.33 -1.45 -0.99
N GLY D 24 12.27 -1.56 0.34
CA GLY D 24 11.05 -2.09 1.01
C GLY D 24 9.88 -1.12 0.83
N ALA D 25 10.18 0.18 0.87
CA ALA D 25 9.18 1.26 0.83
C ALA D 25 8.54 1.35 -0.54
N ILE D 26 9.38 1.37 -1.57
CA ILE D 26 8.97 1.34 -2.98
C ILE D 26 8.07 0.14 -3.27
N TYR D 27 8.53 -1.05 -2.91
CA TYR D 27 7.79 -2.31 -3.14
C TYR D 27 6.40 -2.23 -2.53
N HIS D 28 6.32 -1.86 -1.26
CA HIS D 28 5.02 -1.85 -0.57
C HIS D 28 4.13 -0.66 -0.87
N GLN D 29 4.71 0.51 -1.15
CA GLN D 29 3.87 1.63 -1.56
C GLN D 29 3.18 1.39 -2.92
N PHE D 30 3.89 0.79 -3.86
CA PHE D 30 3.46 0.77 -5.27
C PHE D 30 2.91 -0.55 -5.82
N CYS D 31 3.32 -1.68 -5.29
CA CYS D 31 2.65 -2.93 -5.66
C CYS D 31 1.15 -2.79 -5.47
N GLY D 32 0.40 -3.29 -6.45
CA GLY D 32 -1.05 -3.13 -6.46
C GLY D 32 -1.56 -2.00 -7.38
N THR D 33 -0.66 -1.11 -7.83
CA THR D 33 -1.01 0.09 -8.62
C THR D 33 -1.42 -0.38 -9.97
N PRO D 34 -2.63 0.01 -10.45
CA PRO D 34 -3.07 -0.43 -11.76
C PRO D 34 -2.13 0.12 -12.80
N VAL D 35 -1.78 -0.69 -13.81
CA VAL D 35 -0.83 -0.29 -14.83
C VAL D 35 -1.10 -0.98 -16.20
N SER D 36 -0.75 -0.30 -17.29
CA SER D 36 -0.90 -0.85 -18.63
C SER D 36 0.45 -0.58 -19.36
N PRO D 37 0.68 -1.17 -20.57
CA PRO D 37 1.88 -0.87 -21.41
C PRO D 37 1.99 0.61 -21.74
N GLY D 38 0.84 1.24 -21.96
CA GLY D 38 0.73 2.68 -22.17
C GLY D 38 1.06 3.55 -20.96
N THR D 39 0.85 3.04 -19.73
CA THR D 39 1.14 3.79 -18.49
C THR D 39 2.57 3.68 -17.90
N ALA D 40 3.42 2.72 -18.27
CA ALA D 40 4.04 1.76 -17.37
C ALA D 40 5.35 2.60 -17.22
N GLU D 41 5.69 3.38 -18.25
CA GLU D 41 6.88 4.25 -18.20
C GLU D 41 6.71 5.44 -17.25
N GLU D 42 5.56 6.08 -17.32
CA GLU D 42 5.23 7.19 -16.46
C GLU D 42 5.14 6.76 -15.01
N VAL D 43 4.53 5.61 -14.72
CA VAL D 43 4.52 5.02 -13.37
C VAL D 43 5.94 4.77 -12.88
N ALA D 44 6.78 4.18 -13.74
CA ALA D 44 8.18 3.94 -13.40
C ALA D 44 8.88 5.24 -12.97
N LYS D 45 8.55 6.35 -13.64
CA LYS D 45 9.16 7.67 -13.35
C LYS D 45 8.70 8.25 -12.02
N CYS D 46 7.40 8.14 -11.75
CA CYS D 46 6.91 8.56 -10.46
C CYS D 46 7.55 7.77 -9.34
N ILE D 47 7.76 6.46 -9.54
CA ILE D 47 8.44 5.67 -8.53
C ILE D 47 9.91 6.13 -8.26
N GLU D 48 10.67 6.37 -9.33
CA GLU D 48 12.01 6.91 -9.22
C GLU D 48 12.02 8.24 -8.45
N ARG D 49 11.16 9.16 -8.85
CA ARG D 49 11.10 10.48 -8.25
C ARG D 49 10.74 10.43 -6.75
N ALA D 50 9.87 9.49 -6.39
CA ALA D 50 9.53 9.20 -5.00
C ALA D 50 10.73 8.60 -4.26
N ALA D 51 11.43 7.66 -4.90
CA ALA D 51 12.66 7.10 -4.34
C ALA D 51 13.76 8.18 -4.12
N LEU D 52 13.88 9.13 -5.05
CA LEU D 52 14.94 10.16 -4.95
C LEU D 52 14.77 11.18 -3.81
N LEU D 53 13.58 11.23 -3.22
CA LEU D 53 13.29 12.04 -2.02
C LEU D 53 13.78 11.43 -0.70
N GLN D 54 13.90 10.10 -0.66
CA GLN D 54 14.34 9.37 0.54
C GLN D 54 15.82 9.65 0.94
N PRO D 55 16.11 9.65 2.26
CA PRO D 55 17.45 9.96 2.77
C PRO D 55 18.56 9.19 2.04
N CYS D 56 19.63 9.90 1.64
CA CYS D 56 20.80 9.32 0.97
C CYS D 56 20.64 8.77 -0.47
N VAL D 57 19.42 8.76 -1.01
CA VAL D 57 19.23 8.24 -2.37
C VAL D 57 19.67 9.28 -3.36
N ILE D 58 20.61 8.89 -4.22
CA ILE D 58 21.12 9.78 -5.26
C ILE D 58 20.84 9.23 -6.68
N ASP D 59 20.38 7.99 -6.80
CA ASP D 59 20.00 7.50 -8.14
C ASP D 59 18.97 6.43 -7.98
N ALA D 60 17.94 6.50 -8.82
CA ALA D 60 16.89 5.48 -8.82
C ALA D 60 16.50 5.14 -10.27
N ARG D 61 16.60 3.86 -10.62
CA ARG D 61 16.21 3.35 -11.94
C ARG D 61 15.12 2.30 -11.71
N VAL D 62 13.97 2.54 -12.30
CA VAL D 62 12.82 1.69 -12.16
C VAL D 62 12.26 1.28 -13.53
N GLU D 63 11.96 0.00 -13.66
CA GLU D 63 11.26 -0.53 -14.81
C GLU D 63 10.03 -1.24 -14.32
N VAL D 64 8.91 -0.99 -14.99
CA VAL D 64 7.73 -1.79 -14.82
C VAL D 64 7.43 -2.50 -16.13
N ASP D 65 7.82 -3.77 -16.19
CA ASP D 65 7.76 -4.53 -17.40
C ASP D 65 6.40 -5.16 -17.62
N VAL D 66 5.57 -4.46 -18.41
CA VAL D 66 4.21 -4.88 -18.75
C VAL D 66 4.02 -5.02 -20.26
N SER D 67 3.34 -6.07 -20.66
CA SER D 67 3.02 -6.26 -22.05
C SER D 67 1.51 -6.54 -22.15
N SER D 68 0.99 -6.52 -23.37
CA SER D 68 -0.45 -6.74 -23.54
C SER D 68 -0.91 -8.14 -23.12
N GLU D 69 -0.03 -9.14 -23.18
CA GLU D 69 -0.39 -10.47 -22.65
C GLU D 69 -0.69 -10.44 -21.14
N ASP D 70 -0.21 -9.40 -20.42
CA ASP D 70 -0.53 -9.22 -19.00
C ASP D 70 -1.89 -8.54 -18.77
N THR D 71 -2.53 -8.03 -19.82
CA THR D 71 -3.80 -7.32 -19.63
C THR D 71 -5.00 -8.06 -20.21
N ASP D 72 -4.86 -9.38 -20.40
CA ASP D 72 -5.94 -10.17 -20.98
C ASP D 72 -6.90 -10.57 -19.84
N ASN D 73 -7.74 -9.63 -19.42
CA ASN D 73 -8.62 -9.84 -18.28
C ASN D 73 -9.77 -8.88 -18.41
N TYR D 74 -10.83 -9.11 -17.65
CA TYR D 74 -12.00 -8.23 -17.72
C TYR D 74 -11.65 -6.74 -17.58
N GLY D 75 -10.75 -6.39 -16.64
CA GLY D 75 -10.31 -5.00 -16.44
C GLY D 75 -9.54 -4.34 -17.57
N GLY D 76 -8.75 -5.11 -18.31
CA GLY D 76 -7.91 -4.55 -19.37
C GLY D 76 -6.62 -3.91 -18.86
N TYR D 77 -6.21 -4.26 -17.65
CA TYR D 77 -4.98 -3.67 -17.06
C TYR D 77 -4.35 -4.67 -16.08
N THR D 78 -3.15 -4.36 -15.60
CA THR D 78 -2.54 -5.24 -14.61
C THR D 78 -2.09 -4.43 -13.39
N GLU D 79 -1.30 -5.03 -12.51
CA GLU D 79 -0.86 -4.29 -11.36
C GLU D 79 0.63 -4.33 -11.26
N VAL D 80 1.22 -3.25 -10.71
CA VAL D 80 2.63 -3.31 -10.29
C VAL D 80 2.76 -4.45 -9.26
N SER D 81 3.72 -5.35 -9.50
CA SER D 81 3.91 -6.51 -8.64
C SER D 81 5.39 -6.87 -8.58
N GLY D 82 5.76 -7.80 -7.71
CA GLY D 82 7.16 -8.29 -7.64
C GLY D 82 7.63 -8.94 -8.93
N ARG D 83 6.66 -9.42 -9.71
CA ARG D 83 6.85 -10.09 -10.97
C ARG D 83 7.22 -9.17 -12.13
N ASN D 84 6.73 -7.94 -12.16
CA ASN D 84 7.05 -7.00 -13.26
C ASN D 84 7.85 -5.77 -12.85
N LEU D 85 8.25 -5.67 -11.58
CA LEU D 85 8.95 -4.50 -11.04
C LEU D 85 10.43 -4.74 -10.81
N ARG D 86 11.27 -3.88 -11.41
CA ARG D 86 12.70 -3.94 -11.22
C ARG D 86 13.26 -2.57 -10.85
N VAL D 87 14.09 -2.56 -9.83
CA VAL D 87 14.56 -1.32 -9.23
C VAL D 87 16.06 -1.45 -8.95
N THR D 88 16.81 -0.43 -9.34
CA THR D 88 18.17 -0.25 -8.89
C THR D 88 18.15 1.07 -8.15
N ILE D 89 18.65 1.08 -6.92
CA ILE D 89 18.84 2.34 -6.22
C ILE D 89 20.30 2.54 -5.75
N VAL D 90 20.79 3.76 -5.94
CA VAL D 90 22.11 4.05 -5.42
C VAL D 90 21.92 4.94 -4.23
N THR D 91 22.59 4.61 -3.12
CA THR D 91 22.57 5.48 -1.98
C THR D 91 23.98 5.93 -1.71
N ARG D 92 24.12 7.16 -1.27
CA ARG D 92 25.39 7.68 -0.85
C ARG D 92 25.22 8.42 0.49
N CYS D 93 25.98 7.98 1.49
CA CYS D 93 26.15 8.77 2.71
C CYS D 93 27.65 9.01 2.77
N GLY D 94 28.05 10.27 2.94
CA GLY D 94 29.45 10.61 2.98
C GLY D 94 30.18 10.03 1.79
N GLU D 95 31.27 9.30 2.03
CA GLU D 95 32.05 8.79 0.90
C GLU D 95 31.65 7.39 0.40
N TRP D 96 30.54 6.84 0.93
CA TRP D 96 30.18 5.46 0.57
C TRP D 96 28.90 5.33 -0.23
N GLU D 97 28.99 4.63 -1.34
CA GLU D 97 27.81 4.30 -2.11
C GLU D 97 27.41 2.83 -1.92
N ALA D 98 26.11 2.58 -1.82
CA ALA D 98 25.56 1.20 -1.87
C ALA D 98 24.58 1.11 -3.02
N VAL D 99 24.54 -0.07 -3.64
CA VAL D 99 23.73 -0.30 -4.80
C VAL D 99 22.78 -1.44 -4.44
N GLY D 100 21.50 -1.13 -4.37
CA GLY D 100 20.46 -2.08 -4.01
C GLY D 100 19.62 -2.38 -5.22
N LYS D 101 19.25 -3.64 -5.35
CA LYS D 101 18.44 -4.09 -6.45
C LYS D 101 17.24 -4.90 -5.97
N LEU D 102 16.13 -4.72 -6.68
CA LEU D 102 14.98 -5.60 -6.62
C LEU D 102 14.69 -6.12 -8.04
N GLU D 103 14.44 -7.43 -8.10
CA GLU D 103 14.16 -8.12 -9.36
C GLU D 103 13.57 -9.50 -9.07
N PHE D 104 12.52 -9.89 -9.77
CA PHE D 104 12.03 -11.29 -9.62
C PHE D 104 13.10 -12.23 -10.15
N ILE D 105 13.55 -13.16 -9.33
CA ILE D 105 14.53 -14.13 -9.77
C ILE D 105 13.85 -15.48 -10.05
N GLU D 106 13.77 -15.86 -11.33
CA GLU D 106 12.99 -17.05 -11.72
C GLU D 106 13.29 -18.32 -10.90
N GLU D 107 14.58 -18.67 -10.80
CA GLU D 107 15.08 -19.81 -10.02
C GLU D 107 14.65 -19.83 -8.55
N LEU D 108 14.46 -18.64 -7.98
CA LEU D 108 14.10 -18.50 -6.59
C LEU D 108 12.59 -18.34 -6.46
N ASN D 109 11.95 -18.17 -7.59
CA ASN D 109 10.53 -17.87 -7.62
C ASN D 109 10.11 -16.73 -6.69
N TYR D 110 10.93 -15.69 -6.62
CA TYR D 110 10.81 -14.71 -5.57
C TYR D 110 11.38 -13.35 -6.01
N PRO D 111 10.73 -12.25 -5.63
CA PRO D 111 11.34 -10.97 -6.00
C PRO D 111 12.38 -10.62 -4.96
N LEU D 112 13.63 -10.90 -5.27
CA LEU D 112 14.71 -10.76 -4.32
C LEU D 112 15.16 -9.32 -4.18
N MET D 113 15.45 -8.92 -2.96
CA MET D 113 16.22 -7.72 -2.69
C MET D 113 17.67 -8.02 -2.26
N TRP D 114 18.63 -7.42 -2.95
CA TRP D 114 20.02 -7.65 -2.60
C TRP D 114 20.88 -6.38 -2.77
N VAL D 115 22.08 -6.40 -2.19
CA VAL D 115 23.05 -5.34 -2.34
C VAL D 115 24.03 -5.76 -3.47
N GLU D 116 23.98 -5.09 -4.61
CA GLU D 116 24.83 -5.44 -5.75
C GLU D 116 26.30 -5.02 -5.55
N GLU D 117 26.55 -3.89 -4.88
CA GLU D 117 27.88 -3.30 -4.75
C GLU D 117 27.90 -2.36 -3.55
N ILE D 118 29.03 -2.32 -2.86
CA ILE D 118 29.32 -1.29 -1.82
C ILE D 118 30.67 -0.68 -2.15
N ARG D 119 30.75 0.64 -2.17
CA ARG D 119 31.69 1.38 -3.03
C ARG D 119 32.13 2.70 -2.42
N ARG D 120 33.44 2.86 -2.25
CA ARG D 120 33.98 4.12 -1.77
C ARG D 120 34.04 5.13 -2.90
N VAL D 121 33.59 6.35 -2.65
CA VAL D 121 33.76 7.47 -3.60
C VAL D 121 34.89 8.35 -3.09
#